data_2HE9
#
_entry.id   2HE9
#
_cell.length_a   64.753
_cell.length_b   72.786
_cell.length_c   73.014
_cell.angle_alpha   90.00
_cell.angle_beta   90.00
_cell.angle_gamma   90.00
#
_symmetry.space_group_name_H-M   'P 21 21 2'
#
loop_
_entity.id
_entity.type
_entity.pdbx_description
1 polymer 'NK-tumor recognition protein'
2 non-polymer 'SULFATE ION'
3 water water
#
_entity_poly.entity_id   1
_entity_poly.type   'polypeptide(L)'
_entity_poly.pdbx_seq_one_letter_code
;MGSSHHHHHHSSGLVPRGSPQCHFDIEINREPVGRIMFQLFSDICPKTCKNFLCLCSGEKGLGKTTGKKLCYKGSTFHRV
VKNFMIQGGDFSEGNGKGGESIYGGYFKDENFILKHDRAFLLSMANRGKHTNGSQFFITTKPAPHLDGVHVVFGLVISGF
EVIEQIENLKTDAASRPYADVRVIDCGVLATK
;
_entity_poly.pdbx_strand_id   A,B
#
# COMPACT_ATOMS: atom_id res chain seq x y z
N SER A 19 -7.20 7.63 -3.05
CA SER A 19 -5.99 7.31 -3.87
C SER A 19 -5.91 8.22 -5.14
N PRO A 20 -4.87 9.07 -5.24
CA PRO A 20 -4.74 9.92 -6.44
C PRO A 20 -4.52 9.13 -7.73
N GLN A 21 -4.93 9.76 -8.84
CA GLN A 21 -4.92 9.15 -10.12
C GLN A 21 -4.33 10.21 -11.07
N CYS A 22 -3.72 9.75 -12.15
CA CYS A 22 -3.08 10.60 -13.14
C CYS A 22 -3.03 9.79 -14.41
N HIS A 23 -2.81 10.43 -15.56
CA HIS A 23 -2.87 9.71 -16.83
C HIS A 23 -1.77 10.16 -17.76
N PHE A 24 -1.44 9.26 -18.68
CA PHE A 24 -0.67 9.55 -19.92
C PHE A 24 -1.56 9.22 -21.12
N ASP A 25 -1.49 10.07 -22.13
CA ASP A 25 -2.07 9.82 -23.44
C ASP A 25 -0.90 9.57 -24.35
N ILE A 26 -0.97 8.47 -25.10
CA ILE A 26 0.20 7.96 -25.81
C ILE A 26 -0.01 8.08 -27.34
N GLU A 27 1.02 8.49 -28.08
CA GLU A 27 1.00 8.27 -29.55
C GLU A 27 2.23 7.48 -29.93
N ILE A 28 2.07 6.52 -30.86
CA ILE A 28 3.23 5.81 -31.41
C ILE A 28 3.34 6.27 -32.87
N ASN A 29 4.46 6.89 -33.24
CA ASN A 29 4.64 7.44 -34.59
C ASN A 29 3.45 8.34 -34.93
N ARG A 30 3.08 9.15 -33.93
CA ARG A 30 2.02 10.14 -34.08
C ARG A 30 0.61 9.52 -34.24
N GLU A 31 0.49 8.20 -34.10
CA GLU A 31 -0.86 7.61 -34.05
C GLU A 31 -1.34 7.54 -32.58
N PRO A 32 -2.49 8.17 -32.27
CA PRO A 32 -3.04 8.08 -30.92
C PRO A 32 -3.41 6.62 -30.63
N VAL A 33 -2.89 6.07 -29.54
CA VAL A 33 -3.14 4.65 -29.22
C VAL A 33 -3.89 4.41 -27.89
N GLY A 34 -4.06 5.47 -27.11
CA GLY A 34 -4.90 5.38 -25.92
C GLY A 34 -4.29 6.04 -24.70
N ARG A 35 -5.03 5.95 -23.62
CA ARG A 35 -4.71 6.53 -22.33
C ARG A 35 -4.37 5.44 -21.28
N ILE A 36 -3.26 5.66 -20.58
CA ILE A 36 -2.85 4.81 -19.47
C ILE A 36 -3.29 5.57 -18.24
N MET A 37 -4.09 4.92 -17.42
CA MET A 37 -4.52 5.53 -16.18
C MET A 37 -3.80 4.89 -14.99
N PHE A 38 -3.24 5.71 -14.08
CA PHE A 38 -2.51 5.19 -12.92
C PHE A 38 -3.23 5.48 -11.60
N GLN A 39 -3.23 4.50 -10.71
CA GLN A 39 -3.63 4.70 -9.33
C GLN A 39 -2.33 4.75 -8.53
N LEU A 40 -2.17 5.78 -7.72
CA LEU A 40 -0.93 5.94 -6.91
C LEU A 40 -1.22 5.64 -5.45
N PHE A 41 -0.25 5.06 -4.76
CA PHE A 41 -0.46 4.60 -3.42
C PHE A 41 0.30 5.56 -2.54
N SER A 42 -0.36 6.69 -2.31
N SER A 42 -0.29 6.72 -2.32
CA SER A 42 0.23 7.87 -1.64
CA SER A 42 0.43 7.83 -1.67
C SER A 42 0.13 7.77 -0.12
C SER A 42 0.38 7.71 -0.15
N ASP A 43 -0.57 6.74 0.34
N ASP A 43 -0.45 6.80 0.35
CA ASP A 43 -0.49 6.38 1.76
CA ASP A 43 -0.45 6.51 1.78
C ASP A 43 0.89 5.85 2.13
C ASP A 43 0.81 5.74 2.23
N ILE A 44 1.33 4.86 1.37
CA ILE A 44 2.52 4.11 1.69
C ILE A 44 3.76 4.86 1.22
N CYS A 45 3.66 5.53 0.07
CA CYS A 45 4.78 6.23 -0.55
C CYS A 45 4.38 7.67 -0.88
N PRO A 46 4.19 8.51 0.15
CA PRO A 46 3.71 9.86 -0.17
C PRO A 46 4.74 10.67 -0.96
N LYS A 47 6.02 10.60 -0.62
CA LYS A 47 7.02 11.43 -1.29
C LYS A 47 7.16 11.00 -2.76
N THR A 48 7.21 9.70 -2.98
CA THR A 48 7.35 9.16 -4.34
C THR A 48 6.14 9.51 -5.23
N CYS A 49 4.93 9.36 -4.71
CA CYS A 49 3.71 9.70 -5.46
C CYS A 49 3.60 11.21 -5.70
N LYS A 50 4.04 12.04 -4.75
CA LYS A 50 3.97 13.49 -4.97
C LYS A 50 4.86 13.91 -6.13
N ASN A 51 6.08 13.36 -6.18
CA ASN A 51 6.99 13.54 -7.30
C ASN A 51 6.31 13.15 -8.61
N PHE A 52 5.71 11.94 -8.68
CA PHE A 52 5.17 11.44 -9.95
C PHE A 52 3.99 12.33 -10.36
N LEU A 53 3.15 12.65 -9.38
CA LEU A 53 2.02 13.53 -9.67
C LEU A 53 2.43 14.90 -10.20
N CYS A 54 3.43 15.52 -9.57
CA CYS A 54 3.88 16.83 -9.96
C CYS A 54 4.52 16.77 -11.36
N LEU A 55 5.16 15.65 -11.68
CA LEU A 55 5.67 15.46 -13.06
C LEU A 55 4.58 15.28 -14.08
N CYS A 56 3.39 14.86 -13.63
CA CYS A 56 2.27 14.77 -14.57
C CYS A 56 1.63 16.15 -14.80
N SER A 57 1.55 16.99 -13.74
CA SER A 57 0.97 18.32 -13.93
C SER A 57 2.00 19.31 -14.47
N GLY A 58 3.27 19.06 -14.16
CA GLY A 58 4.34 19.98 -14.60
C GLY A 58 4.36 21.23 -13.75
N GLU A 59 3.60 21.21 -12.65
CA GLU A 59 3.38 22.40 -11.82
C GLU A 59 4.65 22.94 -11.14
N LYS A 60 5.71 22.15 -11.01
CA LYS A 60 6.90 22.59 -10.28
C LYS A 60 7.92 23.36 -11.13
N GLY A 61 7.71 23.45 -12.43
CA GLY A 61 8.49 24.36 -13.27
C GLY A 61 9.80 23.71 -13.72
N LEU A 62 10.92 24.44 -13.69
CA LEU A 62 12.20 23.95 -14.24
C LEU A 62 12.97 23.13 -13.25
N GLY A 63 13.55 22.01 -13.72
CA GLY A 63 14.42 21.14 -12.90
C GLY A 63 15.62 21.90 -12.36
N LYS A 64 15.94 21.69 -11.09
CA LYS A 64 17.06 22.43 -10.44
C LYS A 64 18.44 22.05 -10.92
N THR A 65 18.62 20.79 -11.29
CA THR A 65 19.95 20.35 -11.75
C THR A 65 19.92 20.23 -13.24
N THR A 66 18.74 20.07 -13.83
CA THR A 66 18.71 19.88 -15.30
C THR A 66 18.34 21.13 -16.07
N GLY A 67 17.57 22.04 -15.47
CA GLY A 67 17.09 23.24 -16.19
C GLY A 67 16.04 22.88 -17.25
N LYS A 68 15.46 21.69 -17.16
CA LYS A 68 14.40 21.33 -18.09
C LYS A 68 13.10 21.25 -17.28
N LYS A 69 11.98 21.48 -17.95
CA LYS A 69 10.67 21.42 -17.32
C LYS A 69 10.44 20.08 -16.63
N LEU A 70 10.08 20.14 -15.34
CA LEU A 70 9.74 18.95 -14.58
C LEU A 70 8.37 18.45 -15.03
N CYS A 71 8.31 17.79 -16.16
CA CYS A 71 7.00 17.36 -16.69
C CYS A 71 7.18 16.16 -17.62
N TYR A 72 6.25 15.21 -17.57
CA TYR A 72 6.31 14.07 -18.50
C TYR A 72 5.78 14.38 -19.92
N LYS A 73 5.10 15.49 -20.10
CA LYS A 73 4.45 15.75 -21.38
C LYS A 73 5.55 15.94 -22.42
N GLY A 74 5.50 15.18 -23.52
CA GLY A 74 6.53 15.27 -24.56
C GLY A 74 7.72 14.33 -24.33
N SER A 75 7.72 13.64 -23.19
CA SER A 75 8.70 12.60 -22.90
C SER A 75 8.34 11.27 -23.65
N THR A 76 9.28 10.31 -23.69
CA THR A 76 9.13 9.07 -24.45
C THR A 76 9.24 7.84 -23.54
N PHE A 77 8.95 6.67 -24.08
CA PHE A 77 9.37 5.44 -23.47
C PHE A 77 10.61 5.01 -24.18
N HIS A 78 11.74 4.97 -23.48
CA HIS A 78 13.03 4.83 -24.16
C HIS A 78 13.63 3.46 -23.95
N ARG A 79 12.99 2.62 -23.14
CA ARG A 79 13.47 1.24 -22.92
C ARG A 79 12.29 0.29 -22.82
N VAL A 80 12.33 -0.75 -23.64
CA VAL A 80 11.22 -1.70 -23.76
C VAL A 80 11.80 -3.10 -23.72
N VAL A 81 11.30 -3.91 -22.78
CA VAL A 81 11.69 -5.34 -22.76
C VAL A 81 10.46 -6.25 -22.73
N LYS A 82 10.21 -6.94 -23.84
CA LYS A 82 8.98 -7.72 -23.97
C LYS A 82 8.90 -8.76 -22.85
N ASN A 83 7.75 -8.82 -22.20
CA ASN A 83 7.50 -9.78 -21.10
C ASN A 83 8.24 -9.42 -19.82
N PHE A 84 8.71 -8.18 -19.77
CA PHE A 84 9.33 -7.71 -18.53
C PHE A 84 8.77 -6.35 -18.11
N MET A 85 9.05 -5.32 -18.90
CA MET A 85 8.67 -3.99 -18.45
C MET A 85 8.82 -2.99 -19.58
N ILE A 86 8.13 -1.85 -19.44
CA ILE A 86 8.43 -0.67 -20.25
C ILE A 86 8.85 0.54 -19.38
N GLN A 87 9.78 1.36 -19.89
CA GLN A 87 10.43 2.39 -19.05
C GLN A 87 10.41 3.73 -19.69
N GLY A 88 10.08 4.79 -18.95
CA GLY A 88 10.11 6.13 -19.52
C GLY A 88 10.54 7.15 -18.46
N GLY A 89 10.14 8.40 -18.68
CA GLY A 89 10.35 9.49 -17.70
C GLY A 89 11.66 10.26 -17.75
N ASP A 90 12.49 9.99 -18.76
CA ASP A 90 13.75 10.70 -18.88
C ASP A 90 13.49 11.92 -19.73
N PHE A 91 13.03 12.97 -19.09
CA PHE A 91 12.57 14.15 -19.82
C PHE A 91 13.72 15.03 -20.28
N SER A 92 14.92 14.81 -19.76
CA SER A 92 16.04 15.72 -20.08
C SER A 92 16.94 15.15 -21.13
N GLU A 93 17.03 13.82 -21.21
CA GLU A 93 17.92 13.18 -22.18
C GLU A 93 17.22 12.14 -23.06
N GLY A 94 16.06 11.66 -22.66
CA GLY A 94 15.34 10.66 -23.48
C GLY A 94 16.11 9.36 -23.73
N ASN A 95 17.07 9.00 -22.87
CA ASN A 95 17.88 7.79 -23.17
C ASN A 95 18.25 7.00 -21.93
N GLY A 96 17.75 7.41 -20.78
CA GLY A 96 18.04 6.68 -19.57
C GLY A 96 19.07 7.38 -18.71
N LYS A 97 19.78 8.36 -19.27
CA LYS A 97 20.81 9.03 -18.48
C LYS A 97 20.26 10.22 -17.70
N GLY A 98 19.08 10.73 -18.09
CA GLY A 98 18.58 11.96 -17.51
C GLY A 98 17.42 11.87 -16.54
N GLY A 99 16.73 13.02 -16.44
CA GLY A 99 15.62 13.23 -15.54
C GLY A 99 16.10 13.58 -14.14
N GLU A 100 15.21 14.15 -13.34
CA GLU A 100 15.47 14.34 -11.90
C GLU A 100 14.11 14.54 -11.24
N SER A 101 14.11 14.48 -9.91
CA SER A 101 12.89 14.69 -9.13
C SER A 101 12.58 16.19 -8.88
N ILE A 102 11.38 16.44 -8.39
CA ILE A 102 10.95 17.78 -8.01
C ILE A 102 11.74 18.29 -6.79
N TYR A 103 12.45 17.41 -6.10
CA TYR A 103 13.19 17.82 -4.92
C TYR A 103 14.56 18.40 -5.26
N GLY A 104 14.98 18.26 -6.51
CA GLY A 104 16.31 18.65 -6.97
C GLY A 104 17.28 17.47 -7.00
N GLY A 105 17.68 17.04 -8.20
CA GLY A 105 18.42 15.77 -8.33
C GLY A 105 17.57 14.62 -7.80
N TYR A 106 18.22 13.72 -7.05
CA TYR A 106 17.68 12.40 -6.73
C TYR A 106 17.13 12.41 -5.31
N PHE A 107 16.22 11.50 -4.98
CA PHE A 107 15.76 11.36 -3.60
C PHE A 107 15.84 9.89 -3.14
N LYS A 108 15.84 9.68 -1.82
CA LYS A 108 16.05 8.36 -1.25
C LYS A 108 14.91 7.36 -1.57
N ASP A 109 15.25 6.06 -1.52
CA ASP A 109 14.28 4.97 -1.62
C ASP A 109 13.34 5.14 -0.42
N GLU A 110 12.09 5.46 -0.71
CA GLU A 110 11.16 5.80 0.39
C GLU A 110 10.89 4.57 1.30
N ASN A 111 10.59 3.43 0.67
CA ASN A 111 10.46 2.17 1.41
C ASN A 111 10.27 1.09 0.37
N PHE A 112 10.41 -0.17 0.77
CA PHE A 112 10.17 -1.24 -0.18
C PHE A 112 9.03 -2.13 0.26
N ILE A 113 7.99 -1.51 0.82
CA ILE A 113 6.85 -2.29 1.31
C ILE A 113 6.08 -3.04 0.20
N LEU A 114 5.77 -2.35 -0.90
CA LEU A 114 5.05 -2.96 -2.01
C LEU A 114 5.98 -3.81 -2.83
N LYS A 115 5.50 -4.98 -3.29
CA LYS A 115 6.34 -5.93 -4.02
C LYS A 115 5.96 -5.90 -5.50
N HIS A 116 6.85 -6.41 -6.35
CA HIS A 116 6.55 -6.52 -7.80
C HIS A 116 5.86 -7.86 -8.00
N ASP A 117 4.66 -7.97 -7.44
CA ASP A 117 4.00 -9.27 -7.34
C ASP A 117 2.96 -9.45 -8.44
N ARG A 118 2.89 -8.50 -9.38
CA ARG A 118 1.90 -8.59 -10.42
C ARG A 118 2.30 -7.73 -11.59
N ALA A 119 1.64 -7.96 -12.72
CA ALA A 119 1.79 -7.11 -13.88
C ALA A 119 1.20 -5.71 -13.63
N PHE A 120 1.70 -4.73 -14.38
CA PHE A 120 1.14 -3.38 -14.46
C PHE A 120 1.39 -2.52 -13.23
N LEU A 121 2.41 -2.90 -12.46
CA LEU A 121 2.81 -2.04 -11.35
C LEU A 121 3.67 -0.92 -11.85
N LEU A 122 3.64 0.22 -11.17
CA LEU A 122 4.48 1.38 -11.50
C LEU A 122 5.51 1.48 -10.39
N SER A 123 6.76 1.61 -10.79
CA SER A 123 7.88 1.45 -9.90
C SER A 123 9.00 2.40 -10.34
N MET A 124 9.87 2.81 -9.44
CA MET A 124 10.92 3.80 -9.82
C MET A 124 12.12 3.13 -10.47
N ALA A 125 12.52 3.60 -11.65
CA ALA A 125 13.83 3.23 -12.23
C ALA A 125 14.90 3.83 -11.31
N ASN A 126 16.13 3.27 -11.30
CA ASN A 126 17.22 3.87 -10.54
C ASN A 126 18.57 3.38 -11.05
N ARG A 127 19.66 3.91 -10.51
CA ARG A 127 21.00 3.37 -10.81
C ARG A 127 21.75 2.96 -9.55
N GLY A 128 21.03 2.33 -8.62
CA GLY A 128 21.59 2.03 -7.29
C GLY A 128 20.78 2.70 -6.21
N LYS A 129 21.15 2.45 -4.96
CA LYS A 129 20.38 2.96 -3.81
C LYS A 129 20.23 4.48 -3.84
N HIS A 130 19.02 4.95 -3.54
CA HIS A 130 18.79 6.37 -3.37
C HIS A 130 19.10 7.22 -4.61
N THR A 131 18.65 6.76 -5.79
CA THR A 131 18.94 7.51 -6.99
C THR A 131 17.65 7.67 -7.78
N ASN A 132 16.53 7.90 -7.06
CA ASN A 132 15.23 8.09 -7.68
C ASN A 132 15.16 9.49 -8.27
N GLY A 133 14.74 9.58 -9.53
CA GLY A 133 14.66 10.90 -10.16
C GLY A 133 13.28 11.10 -10.70
N SER A 134 13.15 11.02 -12.03
CA SER A 134 11.85 11.03 -12.70
C SER A 134 11.55 9.74 -13.48
N GLN A 135 12.58 8.96 -13.76
CA GLN A 135 12.35 7.76 -14.57
C GLN A 135 11.56 6.70 -13.74
N PHE A 136 10.67 5.99 -14.43
CA PHE A 136 9.77 5.00 -13.84
C PHE A 136 9.67 3.82 -14.84
N PHE A 137 9.17 2.69 -14.41
CA PHE A 137 8.90 1.66 -15.37
C PHE A 137 7.60 0.99 -14.94
N ILE A 138 6.95 0.34 -15.90
CA ILE A 138 5.68 -0.40 -15.68
C ILE A 138 6.01 -1.86 -16.02
N THR A 139 5.77 -2.79 -15.09
CA THR A 139 6.08 -4.18 -15.32
C THR A 139 4.93 -4.82 -16.14
N THR A 140 5.20 -5.94 -16.81
CA THR A 140 4.15 -6.60 -17.51
C THR A 140 4.04 -8.01 -16.97
N LYS A 141 4.80 -8.28 -15.92
CA LYS A 141 4.71 -9.56 -15.19
C LYS A 141 5.27 -9.41 -13.76
N PRO A 142 4.99 -10.38 -12.85
CA PRO A 142 5.63 -10.32 -11.54
C PRO A 142 7.16 -10.28 -11.72
N ALA A 143 7.86 -9.54 -10.87
CA ALA A 143 9.31 -9.45 -11.00
C ALA A 143 9.94 -9.44 -9.59
N PRO A 144 9.81 -10.53 -8.84
CA PRO A 144 10.20 -10.49 -7.44
C PRO A 144 11.69 -10.23 -7.19
N HIS A 145 12.55 -10.48 -8.17
CA HIS A 145 13.95 -10.18 -8.01
C HIS A 145 14.16 -8.68 -7.87
N LEU A 146 13.16 -7.87 -8.22
CA LEU A 146 13.28 -6.39 -8.06
C LEU A 146 12.84 -5.88 -6.66
N ASP A 147 12.29 -6.76 -5.82
CA ASP A 147 11.82 -6.35 -4.52
C ASP A 147 13.01 -5.90 -3.66
N GLY A 148 12.88 -4.74 -3.04
CA GLY A 148 13.94 -4.18 -2.18
C GLY A 148 15.00 -3.48 -3.01
N VAL A 149 14.74 -3.36 -4.32
CA VAL A 149 15.63 -2.69 -5.27
C VAL A 149 14.98 -1.41 -5.89
N HIS A 150 13.74 -1.55 -6.35
CA HIS A 150 12.97 -0.48 -6.96
C HIS A 150 11.74 -0.23 -6.12
N VAL A 151 11.46 1.04 -5.85
CA VAL A 151 10.30 1.40 -5.06
C VAL A 151 9.03 1.31 -5.92
N VAL A 152 8.12 0.41 -5.52
CA VAL A 152 6.76 0.31 -6.15
C VAL A 152 5.82 1.32 -5.49
N PHE A 153 5.12 2.12 -6.30
CA PHE A 153 4.26 3.13 -5.72
C PHE A 153 2.89 3.29 -6.36
N GLY A 154 2.55 2.41 -7.31
CA GLY A 154 1.33 2.65 -8.09
C GLY A 154 0.98 1.49 -8.95
N LEU A 155 -0.17 1.58 -9.61
CA LEU A 155 -0.66 0.47 -10.41
C LEU A 155 -1.44 1.04 -11.60
N VAL A 156 -1.28 0.44 -12.77
CA VAL A 156 -2.08 0.83 -13.94
C VAL A 156 -3.48 0.23 -13.74
N ILE A 157 -4.50 1.05 -13.92
CA ILE A 157 -5.85 0.54 -13.74
C ILE A 157 -6.65 0.62 -15.04
N SER A 158 -6.07 1.23 -16.08
CA SER A 158 -6.72 1.28 -17.36
C SER A 158 -5.66 1.56 -18.39
N GLY A 159 -5.88 1.07 -19.62
CA GLY A 159 -4.92 1.19 -20.72
C GLY A 159 -3.97 0.03 -20.92
N PHE A 160 -4.42 -1.16 -20.58
CA PHE A 160 -3.61 -2.38 -20.68
C PHE A 160 -3.20 -2.66 -22.13
N GLU A 161 -4.12 -2.35 -23.06
CA GLU A 161 -3.85 -2.58 -24.48
C GLU A 161 -2.70 -1.65 -24.97
N VAL A 162 -2.61 -0.44 -24.41
CA VAL A 162 -1.53 0.50 -24.75
C VAL A 162 -0.19 -0.07 -24.29
N ILE A 163 -0.16 -0.60 -23.06
CA ILE A 163 1.05 -1.16 -22.50
C ILE A 163 1.47 -2.31 -23.45
N GLU A 164 0.52 -3.18 -23.80
CA GLU A 164 0.79 -4.35 -24.67
C GLU A 164 1.43 -3.89 -25.96
N GLN A 165 0.81 -2.87 -26.54
CA GLN A 165 1.28 -2.36 -27.81
C GLN A 165 2.75 -1.84 -27.71
N ILE A 166 3.03 -1.01 -26.70
CA ILE A 166 4.36 -0.49 -26.47
C ILE A 166 5.35 -1.63 -26.24
N GLU A 167 4.98 -2.56 -25.37
CA GLU A 167 5.81 -3.74 -25.02
C GLU A 167 6.25 -4.60 -26.21
N ASN A 168 5.42 -4.61 -27.28
CA ASN A 168 5.71 -5.45 -28.46
C ASN A 168 6.47 -4.74 -29.57
N LEU A 169 6.85 -3.48 -29.32
CA LEU A 169 7.61 -2.74 -30.34
C LEU A 169 9.00 -3.33 -30.56
N LYS A 170 9.47 -3.31 -31.82
CA LYS A 170 10.85 -3.66 -32.18
C LYS A 170 11.84 -2.73 -31.50
N THR A 171 12.87 -3.29 -30.89
CA THR A 171 13.86 -2.46 -30.22
C THR A 171 15.24 -2.74 -30.78
N ASP A 172 16.20 -1.87 -30.51
CA ASP A 172 17.57 -2.16 -30.91
C ASP A 172 18.26 -3.01 -29.86
N ALA A 173 19.59 -3.17 -29.98
CA ALA A 173 20.37 -3.99 -29.06
C ALA A 173 20.34 -3.44 -27.64
N ALA A 174 20.15 -2.11 -27.50
CA ALA A 174 20.09 -1.52 -26.16
C ALA A 174 18.64 -1.49 -25.62
N SER A 175 17.74 -2.26 -26.26
CA SER A 175 16.31 -2.30 -25.91
C SER A 175 15.62 -0.92 -26.07
N ARG A 176 16.17 -0.07 -26.93
CA ARG A 176 15.51 1.20 -27.26
C ARG A 176 14.59 1.02 -28.51
N PRO A 177 13.28 1.35 -28.37
CA PRO A 177 12.34 1.17 -29.48
C PRO A 177 12.80 2.04 -30.64
N TYR A 178 12.72 1.55 -31.86
CA TYR A 178 12.95 2.44 -33.00
C TYR A 178 11.82 3.46 -33.27
N ALA A 179 10.57 3.10 -32.96
CA ALA A 179 9.47 3.99 -33.19
C ALA A 179 9.44 5.08 -32.11
N ASP A 180 8.72 6.15 -32.41
CA ASP A 180 8.53 7.26 -31.48
C ASP A 180 7.41 6.90 -30.52
N VAL A 181 7.72 6.68 -29.25
CA VAL A 181 6.68 6.33 -28.26
C VAL A 181 6.52 7.51 -27.32
N ARG A 182 5.48 8.28 -27.56
CA ARG A 182 5.43 9.64 -27.02
C ARG A 182 4.28 9.82 -26.01
N VAL A 183 4.59 10.40 -24.85
CA VAL A 183 3.57 10.85 -23.90
C VAL A 183 3.10 12.20 -24.42
N ILE A 184 1.98 12.19 -25.15
CA ILE A 184 1.56 13.43 -25.83
C ILE A 184 0.83 14.36 -24.88
N ASP A 185 0.30 13.78 -23.79
CA ASP A 185 -0.39 14.59 -22.81
C ASP A 185 -0.33 13.78 -21.54
N CYS A 186 -0.51 14.44 -20.41
CA CYS A 186 -0.55 13.74 -19.13
C CYS A 186 -1.15 14.75 -18.15
N GLY A 187 -1.59 14.28 -16.99
CA GLY A 187 -2.17 15.20 -16.05
C GLY A 187 -2.65 14.46 -14.84
N VAL A 188 -3.00 15.22 -13.80
CA VAL A 188 -3.52 14.68 -12.54
C VAL A 188 -5.04 14.76 -12.60
N LEU A 189 -5.72 13.73 -12.07
CA LEU A 189 -7.18 13.71 -12.10
C LEU A 189 -7.70 14.34 -10.84
N ALA A 190 -8.98 14.74 -10.83
CA ALA A 190 -9.57 15.45 -9.69
C ALA A 190 -9.63 14.61 -8.41
N SER B 19 -1.29 9.25 5.72
CA SER B 19 -2.46 8.34 5.80
C SER B 19 -3.08 8.36 7.20
N PRO B 20 -4.28 7.76 7.36
CA PRO B 20 -4.94 7.82 8.67
C PRO B 20 -4.22 7.06 9.75
N GLN B 21 -4.44 7.51 10.99
CA GLN B 21 -3.89 6.89 12.14
C GLN B 21 -4.98 6.70 13.19
N CYS B 22 -4.74 5.72 14.04
CA CYS B 22 -5.63 5.52 15.17
C CYS B 22 -4.85 4.80 16.25
N HIS B 23 -5.44 4.72 17.44
CA HIS B 23 -4.71 4.18 18.61
C HIS B 23 -5.58 3.26 19.46
N PHE B 24 -4.92 2.33 20.18
CA PHE B 24 -5.50 1.53 21.27
C PHE B 24 -4.70 1.86 22.53
N ASP B 25 -5.35 1.97 23.68
CA ASP B 25 -4.64 2.06 24.97
C ASP B 25 -4.97 0.76 25.66
N ILE B 26 -3.94 0.11 26.20
CA ILE B 26 -4.06 -1.28 26.69
C ILE B 26 -3.88 -1.39 28.21
N GLU B 27 -4.75 -2.16 28.86
CA GLU B 27 -4.49 -2.54 30.25
C GLU B 27 -4.36 -4.06 30.33
N ILE B 28 -3.34 -4.55 31.04
CA ILE B 28 -3.23 -5.95 31.34
C ILE B 28 -3.51 -6.08 32.85
N ASN B 29 -4.59 -6.78 33.18
CA ASN B 29 -5.07 -6.92 34.57
C ASN B 29 -5.19 -5.55 35.26
N ARG B 30 -5.70 -4.58 34.49
CA ARG B 30 -6.04 -3.23 34.95
C ARG B 30 -4.79 -2.33 35.09
N GLU B 31 -3.61 -2.86 34.74
CA GLU B 31 -2.41 -2.05 34.77
C GLU B 31 -2.23 -1.40 33.39
N PRO B 32 -2.12 -0.06 33.34
CA PRO B 32 -1.86 0.58 32.03
C PRO B 32 -0.50 0.14 31.54
N VAL B 33 -0.40 -0.31 30.30
CA VAL B 33 0.91 -0.76 29.76
C VAL B 33 1.33 -0.04 28.47
N GLY B 34 0.51 0.89 28.01
CA GLY B 34 0.88 1.74 26.90
C GLY B 34 -0.13 1.77 25.76
N ARG B 35 0.26 2.53 24.75
CA ARG B 35 -0.60 2.83 23.65
C ARG B 35 -0.02 2.16 22.40
N ILE B 36 -0.90 1.59 21.58
CA ILE B 36 -0.49 1.10 20.25
C ILE B 36 -1.02 2.08 19.19
N MET B 37 -0.14 2.55 18.34
CA MET B 37 -0.54 3.48 17.31
C MET B 37 -0.37 2.81 15.97
N PHE B 38 -1.41 2.91 15.15
CA PHE B 38 -1.50 2.29 13.80
C PHE B 38 -1.52 3.35 12.73
N GLN B 39 -0.81 3.08 11.65
CA GLN B 39 -0.99 3.83 10.42
C GLN B 39 -1.75 2.90 9.48
N LEU B 40 -2.76 3.42 8.80
CA LEU B 40 -3.60 2.60 7.92
C LEU B 40 -3.38 2.99 6.47
N PHE B 41 -3.33 1.99 5.59
CA PHE B 41 -3.09 2.24 4.17
C PHE B 41 -4.42 2.30 3.45
N SER B 42 -5.03 3.48 3.52
N SER B 42 -5.07 3.47 3.51
CA SER B 42 -6.38 3.71 3.09
CA SER B 42 -6.39 3.60 2.93
C SER B 42 -6.46 4.06 1.61
C SER B 42 -6.37 3.84 1.42
N ASP B 43 -5.30 4.16 0.93
N ASP B 43 -5.21 4.20 0.86
CA ASP B 43 -5.29 4.25 -0.54
CA ASP B 43 -5.05 4.25 -0.60
C ASP B 43 -5.35 2.84 -1.14
C ASP B 43 -5.28 2.85 -1.17
N ILE B 44 -4.59 1.91 -0.56
CA ILE B 44 -4.57 0.53 -1.00
C ILE B 44 -5.88 -0.14 -0.59
N CYS B 45 -6.31 0.10 0.67
CA CYS B 45 -7.45 -0.63 1.20
C CYS B 45 -8.44 0.31 1.85
N PRO B 46 -9.14 1.14 1.05
CA PRO B 46 -10.05 2.11 1.66
C PRO B 46 -11.25 1.52 2.45
N LYS B 47 -11.89 0.47 1.94
CA LYS B 47 -13.05 -0.14 2.64
C LYS B 47 -12.68 -0.80 3.99
N THR B 48 -11.51 -1.45 4.01
CA THR B 48 -11.09 -2.21 5.15
C THR B 48 -10.63 -1.20 6.22
N CYS B 49 -10.02 -0.10 5.75
CA CYS B 49 -9.49 0.91 6.66
C CYS B 49 -10.63 1.67 7.25
N LYS B 50 -11.65 1.98 6.45
CA LYS B 50 -12.78 2.71 6.97
C LYS B 50 -13.44 1.88 8.05
N ASN B 51 -13.53 0.58 7.82
CA ASN B 51 -14.13 -0.31 8.82
C ASN B 51 -13.37 -0.19 10.13
N PHE B 52 -12.06 -0.30 10.05
CA PHE B 52 -11.25 -0.35 11.25
C PHE B 52 -11.30 0.97 11.98
N LEU B 53 -11.16 2.07 11.24
CA LEU B 53 -11.26 3.42 11.83
C LEU B 53 -12.62 3.65 12.52
N CYS B 54 -13.73 3.28 11.87
CA CYS B 54 -15.03 3.47 12.54
C CYS B 54 -15.16 2.66 13.84
N LEU B 55 -14.53 1.47 13.84
CA LEU B 55 -14.52 0.62 15.03
C LEU B 55 -13.69 1.22 16.17
N CYS B 56 -12.69 2.02 15.84
CA CYS B 56 -11.92 2.79 16.82
C CYS B 56 -12.72 3.95 17.36
N SER B 57 -13.52 4.62 16.51
CA SER B 57 -14.34 5.76 17.01
C SER B 57 -15.64 5.33 17.67
N GLY B 58 -16.19 4.21 17.20
CA GLY B 58 -17.51 3.73 17.65
C GLY B 58 -18.69 4.48 17.02
N GLU B 59 -18.40 5.28 15.98
CA GLU B 59 -19.36 6.25 15.48
C GLU B 59 -20.59 5.63 14.81
N LYS B 60 -20.49 4.37 14.38
CA LYS B 60 -21.59 3.75 13.63
C LYS B 60 -22.63 3.07 14.53
N GLY B 61 -22.44 3.09 15.85
CA GLY B 61 -23.49 2.61 16.78
C GLY B 61 -23.57 1.10 16.87
N LEU B 62 -24.78 0.57 16.78
CA LEU B 62 -25.00 -0.88 16.96
C LEU B 62 -24.88 -1.69 15.68
N GLY B 63 -24.32 -2.88 15.81
CA GLY B 63 -24.07 -3.75 14.68
C GLY B 63 -25.36 -4.34 14.17
N LYS B 64 -25.41 -4.53 12.85
CA LYS B 64 -26.64 -5.01 12.20
C LYS B 64 -26.99 -6.44 12.61
N THR B 65 -26.01 -7.36 12.73
CA THR B 65 -26.32 -8.76 13.03
C THR B 65 -26.12 -9.15 14.50
N THR B 66 -25.27 -8.40 15.20
CA THR B 66 -24.89 -8.76 16.56
C THR B 66 -25.68 -7.95 17.59
N GLY B 67 -26.17 -6.79 17.16
CA GLY B 67 -26.88 -5.87 18.08
C GLY B 67 -25.97 -5.29 19.15
N LYS B 68 -24.65 -5.40 18.98
CA LYS B 68 -23.75 -4.85 19.98
C LYS B 68 -22.99 -3.68 19.35
N LYS B 69 -22.43 -2.81 20.18
CA LYS B 69 -21.85 -1.58 19.68
C LYS B 69 -20.61 -1.86 18.80
N LEU B 70 -20.60 -1.29 17.61
CA LEU B 70 -19.46 -1.35 16.69
C LEU B 70 -18.29 -0.55 17.24
N CYS B 71 -17.56 -1.13 18.18
CA CYS B 71 -16.48 -0.38 18.83
C CYS B 71 -15.49 -1.31 19.48
N TYR B 72 -14.21 -0.97 19.39
CA TYR B 72 -13.20 -1.82 20.03
C TYR B 72 -13.00 -1.43 21.50
N LYS B 73 -13.56 -0.31 21.92
CA LYS B 73 -13.39 0.11 23.34
C LYS B 73 -14.01 -0.96 24.23
N GLY B 74 -13.21 -1.50 25.17
CA GLY B 74 -13.70 -2.49 26.12
C GLY B 74 -13.49 -3.91 25.59
N SER B 75 -13.05 -4.04 24.33
CA SER B 75 -12.78 -5.37 23.76
C SER B 75 -11.40 -5.90 24.22
N THR B 76 -11.12 -7.17 23.93
CA THR B 76 -9.93 -7.82 24.43
C THR B 76 -9.11 -8.41 23.30
N PHE B 77 -7.88 -8.81 23.62
CA PHE B 77 -7.11 -9.75 22.78
C PHE B 77 -7.37 -11.17 23.28
N HIS B 78 -8.17 -11.92 22.53
CA HIS B 78 -8.62 -13.24 22.98
C HIS B 78 -7.75 -14.38 22.48
N ARG B 79 -6.82 -14.08 21.59
CA ARG B 79 -5.89 -15.10 21.07
C ARG B 79 -4.47 -14.52 20.90
N VAL B 80 -3.50 -15.15 21.57
CA VAL B 80 -2.15 -14.63 21.61
C VAL B 80 -1.21 -15.78 21.30
N VAL B 81 -0.44 -15.64 20.23
CA VAL B 81 0.41 -16.74 19.81
C VAL B 81 1.84 -16.26 19.74
N LYS B 82 2.61 -16.63 20.75
CA LYS B 82 3.99 -16.23 20.81
C LYS B 82 4.69 -16.57 19.51
N ASN B 83 5.38 -15.59 18.97
CA ASN B 83 6.17 -15.78 17.75
C ASN B 83 5.34 -15.77 16.48
N PHE B 84 4.03 -15.49 16.60
N PHE B 84 4.05 -15.43 16.60
CA PHE B 84 3.16 -15.44 15.42
CA PHE B 84 3.19 -15.37 15.43
C PHE B 84 2.37 -14.11 15.33
C PHE B 84 2.40 -14.06 15.36
N MET B 85 1.49 -13.88 16.30
CA MET B 85 0.52 -12.78 16.19
C MET B 85 -0.28 -12.64 17.47
N ILE B 86 -0.92 -11.48 17.62
CA ILE B 86 -1.93 -11.27 18.65
C ILE B 86 -3.22 -10.84 17.96
N GLN B 87 -4.34 -11.40 18.41
CA GLN B 87 -5.62 -11.22 17.76
C GLN B 87 -6.68 -10.68 18.75
N GLY B 88 -7.47 -9.70 18.30
CA GLY B 88 -8.59 -9.20 19.06
C GLY B 88 -9.72 -8.76 18.14
N GLY B 89 -10.52 -7.78 18.59
CA GLY B 89 -11.65 -7.20 17.82
C GLY B 89 -12.96 -7.99 17.90
N ASP B 90 -13.01 -9.05 18.70
CA ASP B 90 -14.28 -9.76 18.87
C ASP B 90 -15.13 -9.05 19.92
N PHE B 91 -15.77 -7.95 19.53
CA PHE B 91 -16.53 -7.16 20.52
C PHE B 91 -17.84 -7.84 20.99
N SER B 92 -18.27 -8.90 20.30
CA SER B 92 -19.56 -9.52 20.66
C SER B 92 -19.46 -10.84 21.42
N GLU B 93 -18.39 -11.60 21.24
CA GLU B 93 -18.28 -12.90 21.96
C GLU B 93 -16.99 -12.98 22.73
N GLY B 94 -16.01 -12.16 22.33
CA GLY B 94 -14.75 -12.04 23.05
C GLY B 94 -13.96 -13.34 22.96
N ASN B 95 -14.28 -14.21 22.00
CA ASN B 95 -13.66 -15.52 21.94
C ASN B 95 -13.29 -16.05 20.53
N GLY B 96 -13.45 -15.20 19.52
CA GLY B 96 -13.15 -15.61 18.16
C GLY B 96 -14.36 -15.93 17.30
N LYS B 97 -15.50 -16.16 17.95
CA LYS B 97 -16.73 -16.44 17.19
C LYS B 97 -17.46 -15.20 16.72
N GLY B 98 -17.20 -14.03 17.31
CA GLY B 98 -18.09 -12.89 17.02
C GLY B 98 -17.46 -11.70 16.32
N GLY B 99 -18.13 -10.57 16.47
CA GLY B 99 -17.71 -9.31 15.83
C GLY B 99 -18.35 -9.24 14.44
N GLU B 100 -18.36 -8.05 13.86
CA GLU B 100 -18.90 -7.84 12.52
C GLU B 100 -18.45 -6.49 12.03
N SER B 101 -18.61 -6.25 10.73
CA SER B 101 -18.18 -4.98 10.16
C SER B 101 -19.27 -3.89 10.27
N ILE B 102 -18.84 -2.64 10.05
CA ILE B 102 -19.77 -1.54 9.94
C ILE B 102 -20.72 -1.64 8.73
N TYR B 103 -20.44 -2.57 7.81
CA TYR B 103 -21.22 -2.77 6.59
C TYR B 103 -22.38 -3.72 6.86
N GLY B 104 -22.36 -4.36 8.03
CA GLY B 104 -23.39 -5.29 8.43
C GLY B 104 -22.90 -6.69 8.14
N GLY B 105 -22.66 -7.49 9.17
CA GLY B 105 -22.06 -8.82 8.97
C GLY B 105 -20.67 -8.68 8.39
N TYR B 106 -20.35 -9.56 7.43
CA TYR B 106 -19.03 -9.65 6.81
C TYR B 106 -18.94 -8.85 5.50
N PHE B 107 -17.71 -8.49 5.13
CA PHE B 107 -17.46 -7.90 3.83
C PHE B 107 -16.35 -8.67 3.11
N LYS B 108 -16.33 -8.53 1.79
CA LYS B 108 -15.40 -9.22 0.93
C LYS B 108 -13.93 -8.88 1.18
N ASP B 109 -13.04 -9.83 0.88
CA ASP B 109 -11.60 -9.54 0.83
C ASP B 109 -11.30 -8.50 -0.22
N GLU B 110 -10.90 -7.32 0.23
CA GLU B 110 -10.71 -6.15 -0.66
C GLU B 110 -9.59 -6.31 -1.71
N ASN B 111 -8.42 -6.77 -1.28
CA ASN B 111 -7.35 -7.13 -2.21
C ASN B 111 -6.28 -7.78 -1.37
N PHE B 112 -5.29 -8.42 -2.03
CA PHE B 112 -4.12 -8.93 -1.32
C PHE B 112 -2.80 -8.30 -1.79
N ILE B 113 -2.84 -6.99 -1.99
CA ILE B 113 -1.63 -6.29 -2.45
C ILE B 113 -0.52 -6.35 -1.40
N LEU B 114 -0.82 -5.99 -0.15
CA LEU B 114 0.19 -6.00 0.89
C LEU B 114 0.39 -7.44 1.39
N LYS B 115 1.64 -7.76 1.69
CA LYS B 115 2.08 -9.10 2.11
C LYS B 115 2.45 -9.06 3.60
N HIS B 116 2.42 -10.24 4.23
CA HIS B 116 2.79 -10.37 5.63
C HIS B 116 4.32 -10.54 5.72
N ASP B 117 5.06 -9.47 5.37
CA ASP B 117 6.53 -9.56 5.16
C ASP B 117 7.37 -9.09 6.35
N ARG B 118 6.73 -8.70 7.45
CA ARG B 118 7.47 -8.11 8.55
C ARG B 118 6.59 -8.16 9.76
N ALA B 119 7.20 -8.04 10.94
CA ALA B 119 6.45 -7.93 12.19
C ALA B 119 5.66 -6.65 12.21
N PHE B 120 4.57 -6.66 12.99
CA PHE B 120 3.84 -5.46 13.36
C PHE B 120 2.89 -4.94 12.28
N LEU B 121 2.56 -5.81 11.33
CA LEU B 121 1.52 -5.51 10.36
C LEU B 121 0.17 -5.76 10.97
N LEU B 122 -0.83 -5.03 10.47
CA LEU B 122 -2.21 -5.15 10.91
C LEU B 122 -3.02 -5.83 9.78
N SER B 123 -3.71 -6.90 10.11
CA SER B 123 -4.32 -7.70 9.06
C SER B 123 -5.67 -8.22 9.52
N MET B 124 -6.60 -8.51 8.60
CA MET B 124 -7.92 -8.99 9.05
C MET B 124 -7.95 -10.47 9.32
N ALA B 125 -8.44 -10.84 10.50
CA ALA B 125 -8.78 -12.20 10.82
C ALA B 125 -9.98 -12.60 9.94
N ASN B 126 -10.06 -13.89 9.61
CA ASN B 126 -11.24 -14.36 8.94
C ASN B 126 -11.41 -15.84 9.14
N ARG B 127 -12.51 -16.36 8.63
CA ARG B 127 -12.80 -17.78 8.75
C ARG B 127 -13.13 -18.36 7.36
N GLY B 128 -12.53 -17.80 6.32
CA GLY B 128 -12.78 -18.27 4.96
C GLY B 128 -12.86 -17.04 4.07
N LYS B 129 -13.02 -17.25 2.75
CA LYS B 129 -13.07 -16.17 1.77
C LYS B 129 -14.20 -15.22 2.12
N HIS B 130 -13.90 -13.92 2.08
CA HIS B 130 -14.95 -12.92 2.29
C HIS B 130 -15.69 -13.06 3.62
N THR B 131 -14.93 -13.14 4.72
CA THR B 131 -15.60 -13.17 6.03
C THR B 131 -14.94 -12.17 6.96
N ASN B 132 -14.57 -11.00 6.42
CA ASN B 132 -14.03 -9.92 7.24
C ASN B 132 -15.15 -9.29 8.06
N GLY B 133 -14.92 -9.14 9.37
CA GLY B 133 -15.87 -8.54 10.30
C GLY B 133 -15.17 -7.41 11.06
N SER B 134 -14.92 -7.60 12.37
CA SER B 134 -14.21 -6.61 13.18
C SER B 134 -12.89 -7.19 13.68
N GLN B 135 -12.75 -8.51 13.64
CA GLN B 135 -11.54 -9.17 14.17
C GLN B 135 -10.30 -8.89 13.31
N PHE B 136 -9.16 -8.66 13.97
CA PHE B 136 -7.91 -8.23 13.32
C PHE B 136 -6.76 -8.94 14.05
N PHE B 137 -5.58 -9.01 13.42
CA PHE B 137 -4.40 -9.49 14.15
C PHE B 137 -3.21 -8.66 13.80
N ILE B 138 -2.28 -8.58 14.73
CA ILE B 138 -1.04 -7.85 14.54
C ILE B 138 0.01 -8.94 14.51
N THR B 139 0.76 -8.99 13.42
CA THR B 139 1.84 -9.97 13.32
C THR B 139 3.03 -9.63 14.23
N THR B 140 3.78 -10.66 14.62
CA THR B 140 5.04 -10.42 15.33
C THR B 140 6.26 -10.99 14.62
N LYS B 141 6.06 -11.52 13.41
CA LYS B 141 7.12 -12.11 12.55
C LYS B 141 6.52 -12.09 11.14
N PRO B 142 7.36 -12.21 10.09
CA PRO B 142 6.80 -12.43 8.75
C PRO B 142 5.88 -13.67 8.69
N ALA B 143 4.84 -13.59 7.88
CA ALA B 143 3.88 -14.71 7.83
C ALA B 143 3.42 -14.93 6.41
N PRO B 144 4.37 -15.29 5.54
CA PRO B 144 4.11 -15.44 4.11
C PRO B 144 3.00 -16.47 3.82
N HIS B 145 2.79 -17.41 4.73
CA HIS B 145 1.67 -18.35 4.57
C HIS B 145 0.26 -17.75 4.61
N LEU B 146 0.16 -16.52 5.11
CA LEU B 146 -1.09 -15.80 5.16
C LEU B 146 -1.31 -14.93 3.92
N ASP B 147 -0.31 -14.82 3.05
CA ASP B 147 -0.42 -13.99 1.86
C ASP B 147 -1.51 -14.55 0.96
N GLY B 148 -2.41 -13.69 0.50
CA GLY B 148 -3.50 -14.12 -0.36
C GLY B 148 -4.65 -14.76 0.41
N VAL B 149 -4.57 -14.74 1.75
CA VAL B 149 -5.58 -15.32 2.63
C VAL B 149 -6.19 -14.28 3.56
N HIS B 150 -5.33 -13.43 4.14
CA HIS B 150 -5.74 -12.32 5.00
C HIS B 150 -5.33 -11.00 4.39
N VAL B 151 -6.23 -10.01 4.53
CA VAL B 151 -6.02 -8.68 3.94
C VAL B 151 -5.17 -7.84 4.91
N VAL B 152 -3.96 -7.50 4.50
CA VAL B 152 -3.10 -6.60 5.27
C VAL B 152 -3.52 -5.17 4.93
N PHE B 153 -3.71 -4.31 5.93
CA PHE B 153 -4.15 -2.93 5.64
C PHE B 153 -3.53 -1.85 6.51
N GLY B 154 -2.53 -2.21 7.32
CA GLY B 154 -2.01 -1.22 8.25
C GLY B 154 -0.74 -1.71 8.89
N LEU B 155 -0.17 -0.87 9.75
CA LEU B 155 1.16 -1.11 10.28
C LEU B 155 1.24 -0.41 11.62
N VAL B 156 1.76 -1.10 12.64
CA VAL B 156 2.06 -0.46 13.93
C VAL B 156 3.23 0.51 13.80
N ILE B 157 3.06 1.76 14.24
CA ILE B 157 4.15 2.69 14.17
C ILE B 157 4.66 3.10 15.56
N SER B 158 3.97 2.65 16.62
CA SER B 158 4.42 2.89 17.98
C SER B 158 3.72 1.90 18.88
N GLY B 159 4.32 1.56 20.02
CA GLY B 159 3.77 0.65 21.00
C GLY B 159 4.28 -0.75 20.85
N PHE B 160 5.48 -0.92 20.26
CA PHE B 160 6.04 -2.27 20.00
C PHE B 160 6.21 -3.06 21.31
N GLU B 161 6.58 -2.33 22.35
CA GLU B 161 6.77 -2.87 23.70
C GLU B 161 5.46 -3.42 24.24
N VAL B 162 4.37 -2.74 23.91
CA VAL B 162 3.05 -3.20 24.32
C VAL B 162 2.72 -4.53 23.65
N ILE B 163 2.95 -4.60 22.34
CA ILE B 163 2.71 -5.85 21.59
C ILE B 163 3.53 -7.01 22.16
N GLU B 164 4.80 -6.75 22.45
CA GLU B 164 5.67 -7.80 22.96
C GLU B 164 5.19 -8.29 24.32
N GLN B 165 4.77 -7.35 25.15
CA GLN B 165 4.24 -7.72 26.46
C GLN B 165 3.03 -8.65 26.35
N ILE B 166 2.08 -8.29 25.49
CA ILE B 166 0.89 -9.12 25.26
C ILE B 166 1.35 -10.44 24.68
N GLU B 167 2.23 -10.39 23.67
CA GLU B 167 2.71 -11.61 23.00
C GLU B 167 3.25 -12.68 23.98
N ASN B 168 3.86 -12.20 25.07
CA ASN B 168 4.50 -13.06 26.07
C ASN B 168 3.63 -13.56 27.21
N LEU B 169 2.34 -13.22 27.21
CA LEU B 169 1.44 -13.68 28.28
C LEU B 169 1.17 -15.18 28.22
N LYS B 170 1.03 -15.79 29.41
CA LYS B 170 0.64 -17.17 29.53
C LYS B 170 -0.72 -17.35 28.87
N THR B 171 -0.87 -18.40 28.05
CA THR B 171 -2.13 -18.69 27.41
C THR B 171 -2.42 -20.17 27.58
N ASP B 172 -3.69 -20.55 27.45
CA ASP B 172 -4.08 -21.95 27.51
C ASP B 172 -3.72 -22.66 26.20
N ALA B 173 -4.13 -23.92 26.07
CA ALA B 173 -3.79 -24.69 24.86
C ALA B 173 -4.33 -24.06 23.57
N ALA B 174 -5.42 -23.31 23.68
CA ALA B 174 -6.05 -22.67 22.54
C ALA B 174 -5.50 -21.24 22.37
N SER B 175 -4.41 -20.94 23.04
CA SER B 175 -3.75 -19.64 22.95
C SER B 175 -4.62 -18.50 23.42
N ARG B 176 -5.55 -18.81 24.31
CA ARG B 176 -6.30 -17.73 24.96
C ARG B 176 -5.59 -17.32 26.25
N PRO B 177 -5.28 -16.02 26.38
CA PRO B 177 -4.61 -15.55 27.61
C PRO B 177 -5.49 -15.80 28.82
N TYR B 178 -4.87 -16.17 29.94
CA TYR B 178 -5.58 -16.17 31.21
C TYR B 178 -5.77 -14.76 31.77
N ALA B 179 -4.81 -13.86 31.52
CA ALA B 179 -4.88 -12.48 32.03
C ALA B 179 -5.92 -11.73 31.23
N ASP B 180 -6.35 -10.60 31.78
CA ASP B 180 -7.30 -9.72 31.13
C ASP B 180 -6.51 -8.74 30.25
N VAL B 181 -6.59 -8.87 28.93
CA VAL B 181 -5.87 -7.94 28.05
C VAL B 181 -6.89 -7.09 27.32
N ARG B 182 -7.00 -5.84 27.76
CA ARG B 182 -8.17 -5.05 27.47
C ARG B 182 -7.80 -3.77 26.70
N VAL B 183 -8.55 -3.50 25.63
CA VAL B 183 -8.45 -2.22 24.93
C VAL B 183 -9.30 -1.26 25.76
N ILE B 184 -8.62 -0.53 26.62
CA ILE B 184 -9.32 0.32 27.60
C ILE B 184 -9.80 1.60 26.92
N ASP B 185 -9.10 2.05 25.89
CA ASP B 185 -9.56 3.20 25.11
C ASP B 185 -9.03 3.08 23.69
N CYS B 186 -9.68 3.71 22.73
CA CYS B 186 -9.20 3.69 21.36
C CYS B 186 -9.76 4.92 20.71
N GLY B 187 -9.26 5.31 19.55
CA GLY B 187 -9.86 6.44 18.84
C GLY B 187 -9.14 6.69 17.53
N VAL B 188 -9.64 7.65 16.76
CA VAL B 188 -9.07 7.95 15.45
C VAL B 188 -8.27 9.23 15.71
N LEU B 189 -7.11 9.38 15.07
CA LEU B 189 -6.30 10.63 15.25
C LEU B 189 -6.61 11.60 14.14
N ALA B 190 -6.36 12.90 14.37
CA ALA B 190 -6.66 13.97 13.41
C ALA B 190 -5.92 13.77 12.10
#